data_9IIS
#
_entry.id   9IIS
#
_cell.length_a   86.585
_cell.length_b   109.854
_cell.length_c   144.107
_cell.angle_alpha   90.000
_cell.angle_beta   90.000
_cell.angle_gamma   90.000
#
_symmetry.space_group_name_H-M   'I 2 2 2'
#
loop_
_entity.id
_entity.type
_entity.pdbx_description
1 polymer 'Ubiquitin-like protein SMT3,L-fucokinase/L-fucose-1-P guanylyltransferase'
2 non-polymer '4-(2-HYDROXYETHYL)-1-PIPERAZINE ETHANESULFONIC ACID'
3 non-polymer 'ACETATE ION'
4 water water
#
_entity_poly.entity_id   1
_entity_poly.type   'polypeptide(L)'
_entity_poly.pdbx_seq_one_letter_code
;MGSSHHHHHHGSGLVPRGSASMSDSEVNQEAKPEVKPEVKPETHINLKVSDGSSEIFFKIKKTTPLRRLMEAFAKRQGKE
MDSLRFLYDGIRIQADQTPEDLDMEDNDIIEAHREQIGGEFMQKLLSLPSNLVQSFHELERVNRTDWFCTSDPVGKKLGS
GGGTSWLLEECYNEYSDGATFGEWLEKEKRILLHAGGQSRRLPGYAPSGKILTPVPVFRWERGQHLGQNLLSLQLPLYEK
IMSLAPDKLHTLIASGDVYIRSEKPLQSIPEADVVCYGLWVDPSLATHHGVFASDRKHPEQLDFMLQKPSLAELESLSKT
HLFLMDIGIWLLSDRAVEILMKRSHKESSEELKYYDLYSDFGLALGTHPRIEDEEVNTLSVAILPLPGGEFYHYGTSKEL
ISSTLSVQNKVYDQRRIMHRKVKPNPAMFVQNAVVRIPLCAENADLWIENSHIGPKWKIASRHIITGVPENDWSLAVPAG
VCVDVVPMGDKGFVARPYGLDDVFKGDLRDSKTTLTGIPFGEWMSKRGLSYTDLKGRTDDLQAVSVFPMVNSVEELGLVL
RWMLSEPELEEGKNIWLRSEHFSADEISAGANLKRLYAQREEFRKGNWKALAVNHEK
;
_entity_poly.pdbx_strand_id   A
#
loop_
_chem_comp.id
_chem_comp.type
_chem_comp.name
_chem_comp.formula
ACT non-polymer 'ACETATE ION' 'C2 H3 O2 -1'
EPE non-polymer '4-(2-HYDROXYETHYL)-1-PIPERAZINE ETHANESULFONIC ACID' 'C8 H18 N2 O4 S'
#
# COMPACT_ATOMS: atom_id res chain seq x y z
N THR A 43 -5.74 -51.44 -16.45
CA THR A 43 -4.48 -50.71 -16.49
C THR A 43 -4.58 -49.40 -15.73
N HIS A 44 -3.88 -49.31 -14.61
CA HIS A 44 -4.04 -48.23 -13.66
C HIS A 44 -2.86 -47.27 -13.73
N ILE A 45 -3.00 -46.14 -13.04
CA ILE A 45 -2.01 -45.07 -13.06
C ILE A 45 -1.95 -44.46 -11.67
N ASN A 46 -0.75 -44.05 -11.27
CA ASN A 46 -0.54 -43.37 -9.99
C ASN A 46 -0.42 -41.87 -10.24
N LEU A 47 -1.03 -41.08 -9.37
CA LEU A 47 -1.05 -39.63 -9.53
C LEU A 47 -0.74 -38.94 -8.21
N LYS A 48 0.17 -37.98 -8.25
CA LYS A 48 0.36 -37.08 -7.12
C LYS A 48 -0.68 -35.98 -7.14
N VAL A 49 -1.14 -35.58 -5.96
CA VAL A 49 -1.80 -34.30 -5.79
C VAL A 49 -1.04 -33.52 -4.71
N SER A 50 -0.72 -32.26 -5.04
CA SER A 50 0.02 -31.36 -4.18
C SER A 50 -0.88 -30.20 -3.77
N ASP A 51 -0.88 -29.89 -2.47
CA ASP A 51 -1.52 -28.68 -1.99
C ASP A 51 -0.57 -27.51 -1.88
N GLY A 52 0.73 -27.75 -2.08
CA GLY A 52 1.73 -26.71 -1.95
C GLY A 52 2.87 -27.16 -1.06
N SER A 53 2.55 -28.03 -0.09
CA SER A 53 3.53 -28.54 0.85
C SER A 53 3.86 -30.00 0.60
N SER A 54 2.88 -30.89 0.72
CA SER A 54 3.09 -32.32 0.55
C SER A 54 2.41 -32.82 -0.72
N GLU A 55 2.84 -33.99 -1.18
CA GLU A 55 2.29 -34.67 -2.33
C GLU A 55 1.77 -36.03 -1.90
N ILE A 56 0.55 -36.36 -2.31
CA ILE A 56 -0.08 -37.62 -1.91
C ILE A 56 -0.52 -38.40 -3.15
N PHE A 57 -0.26 -39.71 -3.15
CA PHE A 57 -0.43 -40.56 -4.31
C PHE A 57 -1.78 -41.27 -4.29
N PHE A 58 -2.41 -41.33 -5.47
CA PHE A 58 -3.64 -42.07 -5.69
C PHE A 58 -3.45 -43.04 -6.85
N LYS A 59 -3.77 -44.31 -6.63
CA LYS A 59 -3.91 -45.27 -7.72
C LYS A 59 -5.34 -45.20 -8.25
N ILE A 60 -5.48 -45.03 -9.57
CA ILE A 60 -6.80 -45.00 -10.18
C ILE A 60 -6.73 -45.55 -11.60
N LYS A 61 -7.85 -46.09 -12.06
CA LYS A 61 -7.97 -46.59 -13.43
C LYS A 61 -8.09 -45.44 -14.41
N LYS A 62 -7.47 -45.59 -15.58
CA LYS A 62 -7.40 -44.49 -16.54
C LYS A 62 -8.76 -44.06 -17.08
N THR A 63 -9.81 -44.87 -16.87
CA THR A 63 -11.15 -44.53 -17.33
C THR A 63 -12.09 -44.26 -16.17
N THR A 64 -11.57 -44.14 -14.94
CA THR A 64 -12.37 -43.79 -13.78
C THR A 64 -12.44 -42.28 -13.64
N PRO A 65 -13.62 -41.70 -13.43
CA PRO A 65 -13.70 -40.25 -13.19
C PRO A 65 -12.90 -39.85 -11.96
N LEU A 66 -12.31 -38.65 -12.04
CA LEU A 66 -11.51 -38.14 -10.94
C LEU A 66 -12.35 -37.73 -9.74
N ARG A 67 -13.68 -37.83 -9.83
CA ARG A 67 -14.56 -37.47 -8.73
C ARG A 67 -14.15 -38.19 -7.45
N ARG A 68 -13.89 -39.49 -7.55
CA ARG A 68 -13.44 -40.27 -6.39
C ARG A 68 -12.15 -39.70 -5.81
N LEU A 69 -11.18 -39.41 -6.67
CA LEU A 69 -9.88 -38.92 -6.22
C LEU A 69 -10.02 -37.58 -5.52
N MET A 70 -10.74 -36.65 -6.15
CA MET A 70 -10.91 -35.32 -5.56
C MET A 70 -11.69 -35.39 -4.26
N GLU A 71 -12.73 -36.23 -4.21
CA GLU A 71 -13.48 -36.42 -2.97
C GLU A 71 -12.57 -36.95 -1.87
N ALA A 72 -11.70 -37.91 -2.20
CA ALA A 72 -10.83 -38.49 -1.17
C ALA A 72 -9.80 -37.47 -0.69
N PHE A 73 -9.27 -36.66 -1.60
CA PHE A 73 -8.30 -35.65 -1.18
C PHE A 73 -8.96 -34.58 -0.31
N ALA A 74 -10.19 -34.18 -0.66
CA ALA A 74 -10.93 -33.26 0.19
C ALA A 74 -11.18 -33.86 1.57
N LYS A 75 -11.58 -35.13 1.62
CA LYS A 75 -11.80 -35.79 2.90
C LYS A 75 -10.52 -35.82 3.74
N ARG A 76 -9.39 -36.07 3.08
CA ARG A 76 -8.12 -36.14 3.81
C ARG A 76 -7.77 -34.81 4.48
N GLN A 77 -8.07 -33.69 3.80
CA GLN A 77 -7.74 -32.37 4.30
C GLN A 77 -8.91 -31.71 5.01
N GLY A 78 -9.79 -32.49 5.62
CA GLY A 78 -10.89 -31.97 6.43
C GLY A 78 -11.97 -31.23 5.67
N LYS A 79 -11.61 -30.52 4.62
CA LYS A 79 -12.58 -29.75 3.84
C LYS A 79 -13.39 -30.70 2.95
N GLU A 80 -14.10 -30.14 1.98
CA GLU A 80 -14.86 -30.93 1.03
C GLU A 80 -14.61 -30.42 -0.38
N MET A 81 -14.94 -31.26 -1.36
CA MET A 81 -14.49 -31.05 -2.74
C MET A 81 -14.96 -29.72 -3.31
N ASP A 82 -16.11 -29.22 -2.85
CA ASP A 82 -16.61 -27.94 -3.34
C ASP A 82 -15.65 -26.80 -3.02
N SER A 83 -14.88 -26.92 -1.93
CA SER A 83 -14.02 -25.86 -1.46
C SER A 83 -12.62 -25.91 -2.08
N LEU A 84 -12.40 -26.77 -3.08
CA LEU A 84 -11.08 -26.91 -3.67
C LEU A 84 -11.14 -26.78 -5.20
N ARG A 85 -10.02 -26.39 -5.76
CA ARG A 85 -9.82 -26.19 -7.20
C ARG A 85 -8.65 -27.07 -7.62
N PHE A 86 -8.93 -28.07 -8.45
CA PHE A 86 -7.93 -29.00 -8.93
C PHE A 86 -7.50 -28.60 -10.34
N LEU A 87 -6.21 -28.33 -10.50
CA LEU A 87 -5.64 -27.92 -11.77
C LEU A 87 -4.65 -28.97 -12.25
N TYR A 88 -4.61 -29.19 -13.56
CA TYR A 88 -3.63 -30.05 -14.20
C TYR A 88 -3.16 -29.37 -15.47
N ASP A 89 -1.85 -29.12 -15.57
CA ASP A 89 -1.19 -28.43 -16.67
C ASP A 89 -1.52 -26.94 -16.71
N GLY A 90 -2.36 -26.45 -15.81
CA GLY A 90 -2.77 -25.06 -15.79
C GLY A 90 -4.25 -24.83 -16.00
N ILE A 91 -5.01 -25.84 -16.43
CA ILE A 91 -6.45 -25.71 -16.68
C ILE A 91 -7.21 -26.33 -15.52
N ARG A 92 -8.32 -25.70 -15.14
CA ARG A 92 -9.18 -26.27 -14.10
C ARG A 92 -9.97 -27.44 -14.68
N ILE A 93 -9.89 -28.58 -14.01
CA ILE A 93 -10.52 -29.80 -14.48
C ILE A 93 -11.81 -30.02 -13.71
N GLN A 94 -12.76 -30.69 -14.37
CA GLN A 94 -14.03 -31.04 -13.75
C GLN A 94 -13.84 -32.20 -12.77
N ALA A 95 -14.92 -32.90 -12.43
CA ALA A 95 -14.84 -34.10 -11.62
C ALA A 95 -15.27 -35.36 -12.34
N ASP A 96 -15.99 -35.25 -13.45
CA ASP A 96 -16.42 -36.40 -14.23
C ASP A 96 -15.46 -36.72 -15.37
N GLN A 97 -14.26 -36.15 -15.35
CA GLN A 97 -13.26 -36.43 -16.37
C GLN A 97 -12.35 -37.55 -15.88
N THR A 98 -11.97 -38.42 -16.82
CA THR A 98 -11.12 -39.59 -16.60
C THR A 98 -9.70 -39.31 -17.08
N PRO A 99 -8.70 -39.91 -16.43
CA PRO A 99 -7.30 -39.66 -16.83
C PRO A 99 -7.01 -39.87 -18.31
N GLU A 100 -7.69 -40.81 -18.96
CA GLU A 100 -7.48 -41.02 -20.38
C GLU A 100 -7.96 -39.83 -21.20
N ASP A 101 -8.93 -39.06 -20.68
CA ASP A 101 -9.44 -37.92 -21.43
C ASP A 101 -8.39 -36.82 -21.56
N LEU A 102 -7.66 -36.52 -20.48
CA LEU A 102 -6.72 -35.42 -20.47
C LEU A 102 -5.27 -35.89 -20.59
N ASP A 103 -5.06 -37.11 -21.07
CA ASP A 103 -3.75 -37.59 -21.51
C ASP A 103 -2.67 -37.43 -20.43
N MET A 104 -3.02 -37.78 -19.19
CA MET A 104 -2.04 -37.75 -18.12
C MET A 104 -1.47 -39.15 -17.88
N GLU A 105 -0.24 -39.18 -17.38
CA GLU A 105 0.56 -40.40 -17.29
C GLU A 105 0.99 -40.62 -15.84
N ASP A 106 1.63 -41.77 -15.63
CA ASP A 106 2.00 -42.20 -14.29
C ASP A 106 2.87 -41.16 -13.61
N ASN A 107 2.69 -41.02 -12.29
CA ASN A 107 3.43 -40.10 -11.43
C ASN A 107 3.23 -38.64 -11.82
N ASP A 108 2.13 -38.31 -12.51
CA ASP A 108 1.84 -36.90 -12.73
C ASP A 108 1.29 -36.27 -11.45
N ILE A 109 1.34 -34.94 -11.40
CA ILE A 109 0.95 -34.19 -10.21
C ILE A 109 -0.14 -33.18 -10.60
N ILE A 110 -1.23 -33.18 -9.83
CA ILE A 110 -2.28 -32.18 -9.94
C ILE A 110 -2.22 -31.27 -8.72
N GLU A 111 -2.46 -29.98 -8.94
CA GLU A 111 -2.34 -28.97 -7.89
C GLU A 111 -3.71 -28.59 -7.36
N ALA A 112 -3.88 -28.65 -6.03
CA ALA A 112 -5.15 -28.34 -5.39
C ALA A 112 -5.03 -27.03 -4.62
N HIS A 113 -5.54 -25.96 -5.22
CA HIS A 113 -5.63 -24.65 -4.56
C HIS A 113 -6.98 -24.48 -3.88
N ARG A 114 -7.00 -23.71 -2.80
CA ARG A 114 -8.27 -23.37 -2.19
C ARG A 114 -9.01 -22.38 -3.09
N GLU A 115 -10.30 -22.19 -2.79
CA GLU A 115 -11.14 -21.32 -3.62
C GLU A 115 -12.18 -20.66 -2.72
N GLN A 116 -11.95 -19.40 -2.39
CA GLN A 116 -12.90 -18.59 -1.61
C GLN A 116 -13.20 -17.31 -2.35
N ILE A 117 -13.51 -17.42 -3.64
CA ILE A 117 -13.66 -16.25 -4.50
C ILE A 117 -14.89 -15.46 -4.11
N GLY A 118 -16.07 -16.08 -4.20
CA GLY A 118 -17.31 -15.43 -3.86
C GLY A 118 -17.73 -15.70 -2.42
N GLY A 119 -19.02 -15.45 -2.16
CA GLY A 119 -19.57 -15.71 -0.85
C GLY A 119 -19.47 -14.52 0.09
N GLU A 120 -19.50 -14.84 1.38
CA GLU A 120 -19.46 -13.86 2.46
C GLU A 120 -18.29 -12.88 2.28
N PHE A 121 -18.59 -11.65 1.89
CA PHE A 121 -17.55 -10.66 1.63
C PHE A 121 -17.25 -9.84 2.87
N MET A 122 -15.96 -9.60 3.08
CA MET A 122 -15.47 -8.87 4.23
C MET A 122 -15.61 -7.37 4.01
N GLN A 123 -15.93 -6.65 5.09
CA GLN A 123 -15.94 -5.20 5.04
C GLN A 123 -14.52 -4.64 5.06
N LYS A 124 -14.30 -3.60 4.28
CA LYS A 124 -13.00 -2.91 4.24
C LYS A 124 -13.11 -1.61 5.02
N LEU A 125 -12.26 -1.47 6.04
CA LEU A 125 -12.17 -0.26 6.85
C LEU A 125 -10.86 0.45 6.52
N LEU A 126 -10.95 1.71 6.12
CA LEU A 126 -9.79 2.47 5.66
C LEU A 126 -9.55 3.66 6.58
N SER A 127 -8.30 3.84 7.00
CA SER A 127 -7.85 5.11 7.56
C SER A 127 -7.23 5.90 6.42
N LEU A 128 -7.89 6.99 6.02
CA LEU A 128 -7.56 7.79 4.85
C LEU A 128 -7.35 9.24 5.25
N PRO A 129 -6.70 10.04 4.39
CA PRO A 129 -6.70 11.49 4.63
C PRO A 129 -8.12 12.03 4.63
N SER A 130 -8.38 12.99 5.53
CA SER A 130 -9.75 13.42 5.78
C SER A 130 -10.42 13.98 4.52
N ASN A 131 -9.65 14.64 3.64
CA ASN A 131 -10.22 15.18 2.42
C ASN A 131 -10.74 14.08 1.51
N LEU A 132 -10.09 12.92 1.52
CA LEU A 132 -10.46 11.79 0.67
C LEU A 132 -11.62 10.99 1.25
N VAL A 133 -11.83 11.06 2.56
CA VAL A 133 -12.96 10.38 3.19
C VAL A 133 -14.27 10.86 2.57
N GLN A 134 -14.46 12.18 2.49
CA GLN A 134 -15.70 12.75 1.97
C GLN A 134 -16.06 12.24 0.57
N SER A 135 -15.10 11.69 -0.16
CA SER A 135 -15.26 11.47 -1.59
C SER A 135 -14.88 10.08 -2.06
N PHE A 136 -14.25 9.26 -1.21
CA PHE A 136 -13.68 7.99 -1.65
C PHE A 136 -14.71 7.11 -2.35
N HIS A 137 -15.92 7.01 -1.77
CA HIS A 137 -16.92 6.12 -2.34
C HIS A 137 -17.36 6.58 -3.73
N GLU A 138 -17.52 7.89 -3.93
CA GLU A 138 -17.87 8.39 -5.25
C GLU A 138 -16.73 8.23 -6.24
N LEU A 139 -15.50 8.51 -5.80
CA LEU A 139 -14.35 8.51 -6.70
C LEU A 139 -14.07 7.13 -7.26
N GLU A 140 -14.13 6.10 -6.41
CA GLU A 140 -13.84 4.74 -6.81
C GLU A 140 -15.10 3.91 -7.04
N ARG A 141 -16.29 4.54 -6.94
CA ARG A 141 -17.58 3.91 -7.13
C ARG A 141 -17.63 2.53 -6.47
N VAL A 142 -17.54 2.54 -5.14
CA VAL A 142 -17.81 1.40 -4.30
C VAL A 142 -18.95 1.77 -3.36
N ASN A 143 -19.61 0.76 -2.81
CA ASN A 143 -20.74 0.98 -1.93
C ASN A 143 -20.31 0.98 -0.47
N ARG A 144 -21.09 1.68 0.36
CA ARG A 144 -20.75 1.87 1.77
C ARG A 144 -20.97 0.62 2.61
N THR A 145 -21.65 -0.41 2.11
CA THR A 145 -21.78 -1.65 2.88
C THR A 145 -20.44 -2.37 2.97
N ASP A 146 -19.71 -2.47 1.86
CA ASP A 146 -18.44 -3.17 1.84
C ASP A 146 -17.26 -2.30 2.26
N TRP A 147 -17.42 -0.98 2.30
CA TRP A 147 -16.31 -0.06 2.45
C TRP A 147 -16.67 1.04 3.44
N PHE A 148 -15.96 1.07 4.56
CA PHE A 148 -16.08 2.17 5.52
C PHE A 148 -14.72 2.85 5.60
N CYS A 149 -14.73 4.17 5.70
CA CYS A 149 -13.47 4.88 5.94
C CYS A 149 -13.71 6.04 6.87
N THR A 150 -12.61 6.47 7.49
CA THR A 150 -12.59 7.62 8.37
C THR A 150 -11.17 8.17 8.36
N SER A 151 -10.91 9.17 9.19
CA SER A 151 -9.59 9.74 9.33
C SER A 151 -9.33 10.02 10.79
N ASP A 152 -8.05 10.12 11.14
CA ASP A 152 -7.69 10.50 12.50
C ASP A 152 -8.37 11.82 12.85
N PRO A 153 -8.87 11.98 14.07
CA PRO A 153 -9.56 13.22 14.43
C PRO A 153 -8.62 14.41 14.43
N VAL A 154 -9.18 15.56 14.04
CA VAL A 154 -8.42 16.80 13.91
C VAL A 154 -7.79 17.17 15.23
N GLY A 155 -6.46 17.13 15.30
CA GLY A 155 -5.77 17.44 16.54
C GLY A 155 -4.56 16.55 16.77
N LYS A 156 -4.64 15.68 17.78
CA LYS A 156 -3.56 14.76 18.10
C LYS A 156 -3.71 13.47 17.31
N LYS A 157 -2.56 12.84 17.02
CA LYS A 157 -2.52 11.59 16.29
C LYS A 157 -2.55 10.42 17.27
N LEU A 158 -2.99 9.26 16.76
CA LEU A 158 -3.27 8.12 17.62
C LEU A 158 -2.31 6.96 17.42
N GLY A 159 -1.61 6.88 16.29
CA GLY A 159 -0.66 5.82 16.08
C GLY A 159 -1.29 4.66 15.34
N SER A 160 -0.51 3.58 15.21
CA SER A 160 -1.03 2.39 14.56
C SER A 160 -2.12 1.74 15.42
N GLY A 161 -1.84 1.56 16.71
CA GLY A 161 -2.83 0.94 17.59
C GLY A 161 -4.03 1.83 17.87
N GLY A 162 -3.77 3.05 18.32
CA GLY A 162 -4.86 4.00 18.52
C GLY A 162 -5.66 4.24 17.25
N GLY A 163 -4.98 4.33 16.11
CA GLY A 163 -5.68 4.44 14.83
C GLY A 163 -6.58 3.26 14.54
N THR A 164 -6.08 2.05 14.78
CA THR A 164 -6.91 0.86 14.57
C THR A 164 -8.13 0.89 15.48
N SER A 165 -7.94 1.29 16.74
CA SER A 165 -9.05 1.33 17.67
C SER A 165 -10.08 2.36 17.23
N TRP A 166 -9.62 3.54 16.79
CA TRP A 166 -10.52 4.56 16.29
C TRP A 166 -11.27 4.10 15.04
N LEU A 167 -10.60 3.32 14.18
CA LEU A 167 -11.24 2.81 12.98
C LEU A 167 -12.35 1.83 13.34
N LEU A 168 -12.05 0.87 14.22
CA LEU A 168 -13.07 -0.08 14.66
C LEU A 168 -14.23 0.64 15.32
N GLU A 169 -13.94 1.63 16.15
CA GLU A 169 -15.00 2.37 16.85
C GLU A 169 -15.89 3.11 15.87
N GLU A 170 -15.28 3.86 14.94
CA GLU A 170 -16.06 4.66 14.00
C GLU A 170 -16.87 3.77 13.08
N CYS A 171 -16.39 2.54 12.82
CA CYS A 171 -17.18 1.60 12.03
C CYS A 171 -18.38 1.09 12.82
N TYR A 172 -18.13 0.63 14.04
CA TYR A 172 -19.21 0.17 14.91
C TYR A 172 -20.28 1.24 15.07
N ASN A 173 -19.87 2.50 15.25
CA ASN A 173 -20.82 3.58 15.47
C ASN A 173 -21.73 3.84 14.28
N GLU A 174 -21.44 3.25 13.12
CA GLU A 174 -22.31 3.40 11.96
C GLU A 174 -23.00 2.10 11.54
N TYR A 175 -22.47 0.94 11.92
CA TYR A 175 -23.11 -0.33 11.57
C TYR A 175 -23.53 -1.15 12.79
N SER A 176 -23.68 -0.51 13.96
CA SER A 176 -24.01 -1.28 15.17
C SER A 176 -25.39 -1.91 15.07
N ASP A 177 -26.36 -1.16 14.56
CA ASP A 177 -27.74 -1.63 14.43
C ASP A 177 -28.31 -2.09 15.78
N GLY A 178 -27.90 -1.43 16.86
CA GLY A 178 -28.41 -1.70 18.19
C GLY A 178 -27.57 -2.66 19.02
N ALA A 179 -26.78 -3.51 18.40
CA ALA A 179 -25.95 -4.45 19.14
C ALA A 179 -24.92 -3.71 19.99
N THR A 180 -24.23 -4.46 20.85
CA THR A 180 -23.10 -3.91 21.58
C THR A 180 -21.84 -4.10 20.75
N PHE A 181 -20.73 -3.55 21.24
CA PHE A 181 -19.50 -3.60 20.46
C PHE A 181 -18.97 -5.02 20.33
N GLY A 182 -18.95 -5.77 21.45
CA GLY A 182 -18.47 -7.14 21.38
C GLY A 182 -19.33 -8.03 20.51
N GLU A 183 -20.64 -7.76 20.47
CA GLU A 183 -21.52 -8.51 19.60
C GLU A 183 -21.30 -8.12 18.14
N TRP A 184 -21.14 -6.82 17.88
CA TRP A 184 -20.92 -6.36 16.51
C TRP A 184 -19.62 -6.91 15.94
N LEU A 185 -18.55 -6.98 16.75
CA LEU A 185 -17.27 -7.41 16.21
C LEU A 185 -17.29 -8.87 15.79
N GLU A 186 -18.07 -9.71 16.48
CA GLU A 186 -18.14 -11.14 16.16
C GLU A 186 -18.67 -11.38 14.75
N LYS A 187 -19.46 -10.45 14.21
CA LYS A 187 -20.34 -10.79 13.09
C LYS A 187 -19.57 -11.02 11.79
N GLU A 188 -18.64 -10.13 11.45
CA GLU A 188 -17.99 -10.22 10.14
C GLU A 188 -16.47 -10.22 10.28
N LYS A 189 -15.84 -10.81 9.26
CA LYS A 189 -14.41 -10.62 9.03
C LYS A 189 -14.20 -9.29 8.32
N ARG A 190 -13.19 -8.55 8.77
CA ARG A 190 -12.99 -7.18 8.31
C ARG A 190 -11.50 -6.92 8.08
N ILE A 191 -11.21 -6.18 7.01
CA ILE A 191 -9.84 -5.87 6.59
C ILE A 191 -9.62 -4.38 6.80
N LEU A 192 -8.67 -4.03 7.66
CA LEU A 192 -8.40 -2.65 8.02
C LEU A 192 -7.07 -2.24 7.41
N LEU A 193 -7.06 -1.12 6.70
CA LEU A 193 -5.88 -0.62 6.03
C LEU A 193 -5.54 0.77 6.57
N HIS A 194 -4.30 0.95 7.00
CA HIS A 194 -3.79 2.26 7.40
C HIS A 194 -3.14 2.92 6.19
N ALA A 195 -3.74 4.02 5.73
CA ALA A 195 -3.18 4.79 4.63
C ALA A 195 -3.53 6.26 4.81
N GLY A 196 -3.40 6.77 6.04
CA GLY A 196 -3.80 8.12 6.36
C GLY A 196 -2.69 9.08 6.69
N GLY A 197 -1.42 8.68 6.52
CA GLY A 197 -0.30 9.54 6.85
C GLY A 197 -0.18 10.70 5.88
N GLN A 198 0.97 11.39 5.97
CA GLN A 198 1.22 12.56 5.16
C GLN A 198 1.87 12.24 3.82
N SER A 199 2.48 11.06 3.69
CA SER A 199 3.17 10.65 2.47
C SER A 199 4.16 11.72 1.99
N ARG A 200 5.04 12.12 2.92
CA ARG A 200 6.01 13.18 2.63
C ARG A 200 6.86 12.85 1.40
N ARG A 201 7.29 11.60 1.29
CA ARG A 201 8.23 11.18 0.25
C ARG A 201 7.56 10.69 -1.03
N LEU A 202 6.23 10.70 -1.11
CA LEU A 202 5.51 10.43 -2.37
C LEU A 202 4.51 11.53 -2.64
N PRO A 203 4.97 12.75 -2.91
CA PRO A 203 4.03 13.86 -3.12
C PRO A 203 3.05 13.62 -4.25
N GLY A 204 3.48 12.93 -5.31
CA GLY A 204 2.62 12.72 -6.46
C GLY A 204 1.28 12.11 -6.13
N TYR A 205 1.20 11.30 -5.07
CA TYR A 205 -0.07 10.64 -4.76
C TYR A 205 -0.43 10.75 -3.28
N ALA A 206 0.20 11.67 -2.54
CA ALA A 206 -0.18 11.91 -1.16
C ALA A 206 -1.65 12.26 -1.00
N PRO A 207 -2.21 13.21 -1.76
CA PRO A 207 -3.62 13.61 -1.52
C PRO A 207 -4.63 12.50 -1.81
N SER A 208 -4.23 11.40 -2.45
CA SER A 208 -5.13 10.27 -2.64
C SER A 208 -4.66 9.03 -1.87
N GLY A 209 -3.80 9.22 -0.87
CA GLY A 209 -3.47 8.18 0.08
C GLY A 209 -2.51 7.10 -0.39
N LYS A 210 -1.90 7.26 -1.57
CA LYS A 210 -0.93 6.32 -2.13
C LYS A 210 -1.60 5.08 -2.69
N ILE A 211 -2.53 4.48 -1.95
CA ILE A 211 -3.11 3.21 -2.33
C ILE A 211 -4.08 3.34 -3.49
N LEU A 212 -4.49 4.55 -3.85
CA LEU A 212 -5.32 4.78 -5.03
C LEU A 212 -4.49 5.13 -6.25
N THR A 213 -3.23 4.72 -6.29
CA THR A 213 -2.33 5.05 -7.40
C THR A 213 -2.51 4.06 -8.55
N PRO A 214 -2.80 4.52 -9.76
CA PRO A 214 -2.85 3.59 -10.89
C PRO A 214 -1.49 2.97 -11.15
N VAL A 215 -1.49 1.66 -11.42
CA VAL A 215 -0.28 0.91 -11.71
C VAL A 215 -0.46 0.23 -13.06
N PRO A 216 0.52 0.27 -13.95
CA PRO A 216 0.33 -0.25 -15.31
C PRO A 216 0.45 -1.77 -15.34
N VAL A 217 0.34 -2.32 -16.55
CA VAL A 217 0.57 -3.73 -16.81
C VAL A 217 1.21 -3.88 -18.19
N PHE A 218 2.09 -4.87 -18.31
CA PHE A 218 2.64 -5.25 -19.60
C PHE A 218 2.52 -6.76 -19.78
N HIS A 225 -7.07 -8.93 -15.21
CA HIS A 225 -7.36 -7.67 -14.56
C HIS A 225 -7.85 -6.63 -15.55
N LEU A 226 -8.32 -5.50 -15.03
CA LEU A 226 -8.79 -4.40 -15.87
C LEU A 226 -7.94 -3.17 -15.53
N GLY A 227 -8.58 -2.01 -15.37
CA GLY A 227 -7.89 -0.93 -14.70
C GLY A 227 -7.65 -1.30 -13.25
N GLN A 228 -6.53 -0.84 -12.71
CA GLN A 228 -6.19 -1.26 -11.36
C GLN A 228 -5.26 -0.26 -10.70
N ASN A 229 -5.27 -0.28 -9.36
CA ASN A 229 -4.40 0.55 -8.56
C ASN A 229 -3.69 -0.30 -7.51
N LEU A 230 -2.94 0.34 -6.61
CA LEU A 230 -2.21 -0.40 -5.59
C LEU A 230 -3.16 -1.20 -4.70
N LEU A 231 -4.23 -0.55 -4.22
CA LEU A 231 -5.18 -1.22 -3.33
C LEU A 231 -5.80 -2.43 -4.03
N SER A 232 -6.29 -2.25 -5.25
CA SER A 232 -6.93 -3.36 -5.95
C SER A 232 -5.93 -4.47 -6.27
N LEU A 233 -4.65 -4.12 -6.39
CA LEU A 233 -3.63 -5.13 -6.63
C LEU A 233 -3.34 -5.93 -5.37
N GLN A 234 -3.39 -5.26 -4.21
CA GLN A 234 -2.95 -5.85 -2.96
C GLN A 234 -4.07 -6.62 -2.26
N LEU A 235 -5.29 -6.09 -2.31
CA LEU A 235 -6.42 -6.62 -1.54
C LEU A 235 -6.67 -8.12 -1.69
N PRO A 236 -6.53 -8.74 -2.87
CA PRO A 236 -6.78 -10.19 -2.95
C PRO A 236 -5.95 -11.03 -1.99
N LEU A 237 -4.71 -10.63 -1.71
CA LEU A 237 -3.94 -11.33 -0.68
C LEU A 237 -4.65 -11.28 0.67
N TYR A 238 -5.07 -10.07 1.09
CA TYR A 238 -5.76 -9.93 2.37
C TYR A 238 -7.03 -10.77 2.39
N GLU A 239 -7.77 -10.78 1.29
CA GLU A 239 -9.03 -11.52 1.24
C GLU A 239 -8.79 -13.02 1.35
N LYS A 240 -7.85 -13.55 0.56
CA LYS A 240 -7.47 -14.95 0.68
C LYS A 240 -7.06 -15.30 2.10
N ILE A 241 -6.20 -14.47 2.71
CA ILE A 241 -5.78 -14.71 4.08
C ILE A 241 -6.97 -14.78 5.01
N MET A 242 -7.87 -13.80 4.90
CA MET A 242 -8.95 -13.68 5.88
C MET A 242 -9.98 -14.78 5.70
N SER A 243 -10.12 -15.31 4.48
CA SER A 243 -10.91 -16.50 4.28
C SER A 243 -10.26 -17.71 4.94
N LEU A 244 -8.97 -17.94 4.66
CA LEU A 244 -8.27 -19.07 5.25
C LEU A 244 -8.17 -18.99 6.76
N ALA A 245 -8.37 -17.81 7.34
CA ALA A 245 -8.20 -17.63 8.77
C ALA A 245 -9.34 -18.29 9.54
N PRO A 246 -9.10 -18.72 10.77
CA PRO A 246 -10.19 -19.20 11.62
C PRO A 246 -11.27 -18.15 11.80
N ASP A 247 -12.47 -18.61 12.13
CA ASP A 247 -13.64 -17.75 12.26
C ASP A 247 -13.72 -17.04 13.59
N LYS A 248 -12.64 -17.04 14.38
CA LYS A 248 -12.52 -16.22 15.57
C LYS A 248 -11.71 -14.95 15.32
N LEU A 249 -10.83 -14.95 14.32
CA LEU A 249 -10.04 -13.78 13.94
C LEU A 249 -10.87 -12.95 12.96
N HIS A 250 -11.56 -11.94 13.47
CA HIS A 250 -12.46 -11.12 12.67
C HIS A 250 -11.84 -9.81 12.18
N THR A 251 -10.58 -9.53 12.51
CA THR A 251 -9.96 -8.24 12.17
C THR A 251 -8.55 -8.47 11.66
N LEU A 252 -8.33 -8.21 10.37
CA LEU A 252 -6.99 -8.12 9.80
C LEU A 252 -6.53 -6.66 9.82
N ILE A 253 -5.26 -6.45 10.16
CA ILE A 253 -4.68 -5.10 10.22
C ILE A 253 -3.50 -5.05 9.25
N ALA A 254 -3.56 -4.15 8.28
CA ALA A 254 -2.49 -3.92 7.32
C ALA A 254 -2.01 -2.48 7.42
N SER A 255 -0.69 -2.31 7.41
CA SER A 255 -0.10 -0.99 7.49
C SER A 255 1.31 -1.04 6.89
N GLY A 256 1.95 0.11 6.84
CA GLY A 256 3.19 0.24 6.11
C GLY A 256 2.92 0.61 4.67
N ASP A 257 4.02 0.82 3.94
CA ASP A 257 3.94 1.26 2.55
C ASP A 257 4.55 0.22 1.63
N VAL A 258 4.25 -1.05 1.90
CA VAL A 258 4.91 -2.18 1.25
C VAL A 258 3.85 -3.03 0.56
N TYR A 259 4.10 -3.36 -0.70
CA TYR A 259 3.24 -4.24 -1.47
C TYR A 259 3.74 -5.66 -1.30
N ILE A 260 2.86 -6.54 -0.80
CA ILE A 260 3.21 -7.91 -0.47
C ILE A 260 2.64 -8.85 -1.53
N ARG A 261 3.44 -9.85 -1.90
CA ARG A 261 3.13 -10.75 -2.99
C ARG A 261 3.54 -12.16 -2.59
N SER A 262 2.97 -13.16 -3.26
CA SER A 262 3.49 -14.52 -3.17
C SER A 262 2.78 -15.41 -4.19
N GLU A 263 3.57 -16.22 -4.90
CA GLU A 263 3.08 -17.08 -5.96
C GLU A 263 2.88 -18.52 -5.51
N LYS A 264 2.98 -18.78 -4.22
CA LYS A 264 2.77 -20.11 -3.64
C LYS A 264 1.59 -20.08 -2.67
N PRO A 265 0.93 -21.23 -2.47
CA PRO A 265 -0.22 -21.26 -1.57
C PRO A 265 0.18 -21.03 -0.11
N LEU A 266 -0.80 -20.55 0.66
CA LEU A 266 -0.60 -20.24 2.06
C LEU A 266 -0.63 -21.49 2.92
N GLN A 267 0.08 -21.44 4.04
CA GLN A 267 -0.01 -22.49 5.05
C GLN A 267 -1.27 -22.29 5.89
N SER A 268 -1.65 -23.35 6.62
CA SER A 268 -2.78 -23.23 7.52
C SER A 268 -2.49 -22.19 8.60
N ILE A 269 -3.55 -21.61 9.15
CA ILE A 269 -3.47 -20.44 10.01
C ILE A 269 -3.81 -20.88 11.44
N PRO A 270 -2.85 -20.84 12.36
CA PRO A 270 -3.11 -21.23 13.74
C PRO A 270 -4.22 -20.42 14.38
N GLU A 271 -4.62 -20.86 15.57
CA GLU A 271 -5.76 -20.29 16.28
C GLU A 271 -5.31 -19.49 17.50
N ALA A 272 -4.24 -18.71 17.33
CA ALA A 272 -3.75 -17.84 18.39
C ALA A 272 -4.60 -16.57 18.45
N ASP A 273 -4.31 -15.73 19.43
CA ASP A 273 -4.98 -14.43 19.52
C ASP A 273 -4.35 -13.39 18.61
N VAL A 274 -3.09 -13.56 18.24
CA VAL A 274 -2.39 -12.67 17.33
C VAL A 274 -1.63 -13.53 16.33
N VAL A 275 -1.89 -13.33 15.04
CA VAL A 275 -1.13 -13.96 13.98
C VAL A 275 -0.43 -12.88 13.19
N CYS A 276 0.86 -13.09 12.89
CA CYS A 276 1.65 -12.08 12.20
C CYS A 276 2.40 -12.74 11.07
N TYR A 277 2.34 -12.13 9.89
CA TYR A 277 3.09 -12.67 8.76
C TYR A 277 4.48 -12.04 8.73
N GLY A 278 5.45 -12.82 8.25
CA GLY A 278 6.82 -12.34 8.19
C GLY A 278 7.60 -13.05 7.11
N LEU A 279 8.81 -12.57 6.88
CA LEU A 279 9.74 -13.18 5.94
C LEU A 279 11.07 -13.45 6.63
N TRP A 280 11.57 -14.68 6.53
CA TRP A 280 12.89 -15.00 7.05
C TRP A 280 13.92 -14.00 6.54
N VAL A 281 14.68 -13.39 7.45
CA VAL A 281 15.59 -12.31 7.09
C VAL A 281 16.93 -12.48 7.80
N ASP A 282 18.00 -12.35 7.04
CA ASP A 282 19.33 -12.17 7.58
C ASP A 282 19.42 -10.79 8.25
N PRO A 283 20.25 -10.64 9.28
CA PRO A 283 20.38 -9.34 9.96
C PRO A 283 20.66 -8.17 9.01
N SER A 284 21.40 -8.40 7.93
CA SER A 284 21.70 -7.35 6.96
C SER A 284 20.44 -6.64 6.47
N LEU A 285 19.29 -7.32 6.51
CA LEU A 285 18.01 -6.67 6.24
C LEU A 285 17.10 -6.60 7.46
N ALA A 286 17.29 -7.49 8.44
CA ALA A 286 16.50 -7.40 9.66
C ALA A 286 16.68 -6.06 10.34
N THR A 287 17.89 -5.48 10.26
CA THR A 287 18.20 -4.27 11.01
C THR A 287 17.34 -3.08 10.60
N HIS A 288 16.68 -3.15 9.43
CA HIS A 288 15.93 -2.01 8.91
C HIS A 288 14.44 -2.08 9.18
N HIS A 289 13.96 -3.07 9.94
CA HIS A 289 12.52 -3.27 10.07
C HIS A 289 12.18 -3.80 11.46
N GLY A 290 10.89 -4.00 11.70
CA GLY A 290 10.46 -4.77 12.84
C GLY A 290 10.76 -6.24 12.64
N VAL A 291 11.25 -6.88 13.70
CA VAL A 291 11.75 -8.24 13.65
C VAL A 291 11.03 -9.06 14.71
N PHE A 292 10.54 -10.23 14.31
CA PHE A 292 10.14 -11.27 15.24
C PHE A 292 11.35 -12.16 15.48
N ALA A 293 11.78 -12.27 16.74
CA ALA A 293 12.83 -13.18 17.13
C ALA A 293 12.21 -14.39 17.81
N SER A 294 12.55 -15.58 17.31
CA SER A 294 12.07 -16.84 17.85
C SER A 294 13.24 -17.76 18.17
N ASP A 295 13.09 -18.54 19.23
CA ASP A 295 14.14 -19.46 19.67
C ASP A 295 14.52 -20.43 18.55
N ARG A 296 15.77 -20.93 18.64
CA ARG A 296 16.29 -21.83 17.61
C ARG A 296 15.48 -23.12 17.53
N LYS A 297 15.03 -23.64 18.67
CA LYS A 297 14.28 -24.89 18.72
C LYS A 297 12.79 -24.70 18.51
N HIS A 298 12.28 -23.47 18.56
CA HIS A 298 10.85 -23.19 18.49
C HIS A 298 10.59 -22.18 17.36
N PRO A 299 10.63 -22.63 16.10
CA PRO A 299 10.49 -21.69 14.99
C PRO A 299 9.05 -21.27 14.73
N GLU A 300 8.15 -21.51 15.67
CA GLU A 300 6.76 -21.10 15.52
C GLU A 300 6.34 -20.05 16.54
N GLN A 301 6.61 -20.28 17.83
CA GLN A 301 6.23 -19.30 18.83
C GLN A 301 7.11 -18.06 18.72
N LEU A 302 6.55 -16.93 19.15
CA LEU A 302 7.29 -15.68 19.19
C LEU A 302 8.03 -15.59 20.52
N ASP A 303 9.36 -15.41 20.46
CA ASP A 303 10.11 -15.13 21.67
C ASP A 303 9.97 -13.66 22.05
N PHE A 304 10.40 -12.75 21.17
CA PHE A 304 10.18 -11.33 21.42
C PHE A 304 10.25 -10.55 20.12
N MET A 305 9.88 -9.27 20.19
CA MET A 305 9.92 -8.36 19.07
C MET A 305 11.05 -7.34 19.21
N LEU A 306 11.54 -6.87 18.07
CA LEU A 306 12.57 -5.84 18.01
C LEU A 306 12.18 -4.82 16.96
N GLN A 307 12.39 -3.53 17.25
CA GLN A 307 12.13 -2.46 16.29
C GLN A 307 13.46 -1.90 15.78
N LYS A 308 13.91 -2.42 14.63
CA LYS A 308 15.11 -2.00 13.92
C LYS A 308 16.36 -2.25 14.76
N PRO A 309 16.68 -3.50 15.08
CA PRO A 309 17.87 -3.78 15.89
C PRO A 309 19.14 -3.39 15.15
N SER A 310 20.23 -3.33 15.91
CA SER A 310 21.52 -2.99 15.35
C SER A 310 22.21 -4.25 14.81
N LEU A 311 23.13 -4.04 13.87
CA LEU A 311 23.86 -5.15 13.29
C LEU A 311 24.58 -5.97 14.35
N ALA A 312 25.06 -5.32 15.41
CA ALA A 312 25.77 -6.04 16.47
C ALA A 312 24.81 -6.78 17.38
N GLU A 313 23.70 -6.14 17.77
CA GLU A 313 22.70 -6.81 18.60
C GLU A 313 22.15 -8.07 17.93
N LEU A 314 22.12 -8.09 16.60
CA LEU A 314 21.69 -9.29 15.89
C LEU A 314 22.79 -10.35 15.87
N GLU A 315 24.04 -9.95 15.63
CA GLU A 315 25.16 -10.88 15.76
C GLU A 315 25.24 -11.45 17.17
N SER A 316 24.80 -10.69 18.17
CA SER A 316 24.82 -11.17 19.55
C SER A 316 23.77 -12.25 19.79
N LEU A 317 22.78 -12.38 18.91
CA LEU A 317 21.74 -13.39 19.04
C LEU A 317 21.72 -14.38 17.88
N SER A 318 22.72 -14.31 16.99
CA SER A 318 22.68 -15.13 15.78
C SER A 318 22.75 -16.62 16.09
N LYS A 319 23.34 -16.99 17.23
CA LYS A 319 23.44 -18.41 17.60
C LYS A 319 22.20 -18.92 18.32
N THR A 320 21.36 -18.03 18.85
CA THR A 320 20.26 -18.45 19.71
C THR A 320 18.87 -18.13 19.17
N HIS A 321 18.75 -17.35 18.11
CA HIS A 321 17.44 -16.95 17.62
C HIS A 321 17.44 -16.89 16.10
N LEU A 322 16.24 -17.01 15.53
CA LEU A 322 15.98 -16.72 14.14
C LEU A 322 15.09 -15.48 14.04
N PHE A 323 15.17 -14.82 12.89
CA PHE A 323 14.59 -13.50 12.70
C PHE A 323 13.65 -13.51 11.50
N LEU A 324 12.46 -12.92 11.68
CA LEU A 324 11.54 -12.67 10.58
C LEU A 324 11.25 -11.18 10.49
N MET A 325 11.33 -10.62 9.29
CA MET A 325 10.87 -9.26 9.05
C MET A 325 9.35 -9.23 9.06
N ASP A 326 8.80 -8.42 9.96
CA ASP A 326 7.38 -8.07 9.93
C ASP A 326 7.05 -7.34 8.63
N ILE A 327 6.02 -7.81 7.95
CA ILE A 327 5.59 -7.22 6.69
C ILE A 327 4.27 -6.48 6.84
N GLY A 328 3.83 -6.23 8.06
CA GLY A 328 2.62 -5.48 8.33
C GLY A 328 1.33 -6.15 7.92
N ILE A 329 1.19 -7.45 8.19
CA ILE A 329 -0.08 -8.15 8.05
C ILE A 329 -0.33 -8.93 9.33
N TRP A 330 -1.24 -8.42 10.16
CA TRP A 330 -1.59 -9.03 11.44
C TRP A 330 -3.07 -9.44 11.42
N LEU A 331 -3.38 -10.42 12.27
CA LEU A 331 -4.74 -10.88 12.52
C LEU A 331 -4.94 -10.92 14.02
N LEU A 332 -6.07 -10.40 14.50
CA LEU A 332 -6.35 -10.34 15.93
C LEU A 332 -7.67 -11.03 16.25
N SER A 333 -7.69 -11.73 17.38
CA SER A 333 -8.91 -12.28 17.96
C SER A 333 -9.67 -11.20 18.71
N ASP A 334 -10.96 -11.47 18.97
CA ASP A 334 -11.80 -10.51 19.68
C ASP A 334 -11.19 -10.09 21.01
N ARG A 335 -10.56 -11.02 21.72
CA ARG A 335 -9.97 -10.69 23.02
C ARG A 335 -8.74 -9.80 22.83
N ALA A 336 -7.89 -10.14 21.86
CA ALA A 336 -6.81 -9.25 21.45
C ALA A 336 -7.34 -7.87 21.09
N VAL A 337 -8.46 -7.81 20.37
CA VAL A 337 -8.99 -6.52 19.94
C VAL A 337 -9.44 -5.71 21.16
N GLU A 338 -10.17 -6.33 22.08
CA GLU A 338 -10.60 -5.65 23.30
C GLU A 338 -9.40 -5.13 24.08
N ILE A 339 -8.34 -5.93 24.20
CA ILE A 339 -7.18 -5.53 25.00
C ILE A 339 -6.44 -4.38 24.32
N LEU A 340 -6.17 -4.50 23.02
CA LEU A 340 -5.61 -3.38 22.26
C LEU A 340 -6.44 -2.12 22.44
N MET A 341 -7.76 -2.23 22.33
CA MET A 341 -8.62 -1.06 22.40
C MET A 341 -8.54 -0.39 23.77
N LYS A 342 -8.54 -1.17 24.85
CA LYS A 342 -8.43 -0.55 26.16
C LYS A 342 -7.04 0.01 26.39
N ARG A 343 -6.01 -0.60 25.78
CA ARG A 343 -4.68 -0.02 25.81
C ARG A 343 -4.58 1.23 24.94
N SER A 344 -5.52 1.43 24.02
CA SER A 344 -5.58 2.64 23.22
C SER A 344 -6.45 3.72 23.85
N HIS A 345 -6.95 3.49 25.06
CA HIS A 345 -7.71 4.46 25.81
C HIS A 345 -6.97 4.81 27.08
N LYS A 346 -7.31 5.96 27.66
CA LYS A 346 -6.62 6.42 28.86
C LYS A 346 -7.06 5.59 30.07
N GLU A 347 -6.43 5.87 31.21
CA GLU A 347 -6.77 5.20 32.46
C GLU A 347 -8.18 5.54 32.91
N SER A 348 -8.35 6.75 33.45
CA SER A 348 -9.65 7.20 33.94
C SER A 348 -10.64 7.39 32.79
N SER A 349 -10.53 8.52 32.09
CA SER A 349 -11.30 8.72 30.88
C SER A 349 -10.97 7.66 29.84
N GLU A 350 -11.97 7.28 29.05
CA GLU A 350 -11.82 6.28 28.00
C GLU A 350 -12.13 6.96 26.67
N GLU A 351 -11.12 7.58 26.08
CA GLU A 351 -11.35 8.34 24.84
C GLU A 351 -10.29 8.04 23.79
N LEU A 352 -9.11 8.64 23.93
CA LEU A 352 -8.09 8.54 22.89
C LEU A 352 -6.70 8.66 23.51
N LYS A 353 -5.75 7.90 22.96
CA LYS A 353 -4.36 7.97 23.37
C LYS A 353 -3.51 7.46 22.21
N TYR A 354 -2.38 8.11 21.97
CA TYR A 354 -1.40 7.52 21.07
C TYR A 354 -0.94 6.18 21.62
N TYR A 355 -1.12 5.14 20.83
CA TYR A 355 -0.66 3.80 21.20
C TYR A 355 -0.11 3.17 19.94
N ASP A 356 1.11 2.64 20.02
CA ASP A 356 1.79 2.11 18.85
C ASP A 356 1.61 0.60 18.83
N LEU A 357 0.96 0.10 17.77
CA LEU A 357 0.67 -1.33 17.68
C LEU A 357 1.94 -2.16 17.67
N TYR A 358 3.02 -1.64 17.11
CA TYR A 358 4.24 -2.42 16.89
C TYR A 358 5.31 -2.18 17.94
N SER A 359 5.30 -1.04 18.61
CA SER A 359 6.31 -0.70 19.61
C SER A 359 5.77 -0.73 21.04
N ASP A 360 4.53 -0.32 21.25
CA ASP A 360 3.90 -0.50 22.55
C ASP A 360 3.29 -1.90 22.66
N PHE A 361 2.16 -2.10 21.99
CA PHE A 361 1.49 -3.40 22.00
C PHE A 361 2.41 -4.54 21.57
N GLY A 362 3.10 -4.37 20.45
CA GLY A 362 3.87 -5.46 19.89
C GLY A 362 4.99 -5.95 20.79
N LEU A 363 5.79 -5.01 21.32
CA LEU A 363 6.93 -5.39 22.15
C LEU A 363 6.55 -6.11 23.43
N ALA A 364 5.25 -6.13 23.79
CA ALA A 364 4.78 -6.81 24.99
C ALA A 364 4.38 -8.25 24.72
N LEU A 365 4.59 -8.77 23.52
CA LEU A 365 4.20 -10.11 23.15
C LEU A 365 5.40 -11.04 23.15
N GLY A 366 5.13 -12.32 23.35
CA GLY A 366 6.15 -13.35 23.33
C GLY A 366 6.39 -13.95 24.70
N THR A 367 7.15 -15.04 24.69
CA THR A 367 7.47 -15.74 25.93
C THR A 367 8.48 -14.98 26.77
N HIS A 368 9.23 -14.06 26.17
CA HIS A 368 10.19 -13.20 26.88
C HIS A 368 10.00 -11.76 26.44
N PRO A 369 8.90 -11.12 26.86
CA PRO A 369 8.64 -9.75 26.41
C PRO A 369 9.69 -8.79 26.95
N ARG A 370 9.94 -7.74 26.17
CA ARG A 370 10.88 -6.71 26.60
C ARG A 370 10.22 -5.63 27.44
N ILE A 371 9.01 -5.22 27.07
CA ILE A 371 8.23 -4.30 27.88
C ILE A 371 7.10 -5.07 28.54
N GLU A 372 6.75 -4.68 29.76
CA GLU A 372 5.74 -5.41 30.53
C GLU A 372 4.35 -4.93 30.16
N ASP A 373 3.44 -5.89 29.96
CA ASP A 373 2.01 -5.61 29.92
C ASP A 373 1.27 -6.83 30.44
N GLU A 374 0.52 -6.64 31.52
CA GLU A 374 -0.18 -7.75 32.15
C GLU A 374 -1.10 -8.46 31.17
N GLU A 375 -2.05 -7.73 30.58
CA GLU A 375 -3.05 -8.33 29.72
C GLU A 375 -2.50 -8.68 28.35
N VAL A 376 -1.63 -7.84 27.78
CA VAL A 376 -1.12 -8.08 26.43
C VAL A 376 -0.32 -9.38 26.39
N ASN A 377 0.53 -9.60 27.39
CA ASN A 377 1.38 -10.78 27.39
C ASN A 377 0.59 -12.08 27.40
N THR A 378 -0.65 -12.07 27.88
CA THR A 378 -1.44 -13.29 27.95
C THR A 378 -1.88 -13.77 26.57
N LEU A 379 -1.82 -12.91 25.56
CA LEU A 379 -2.28 -13.28 24.22
C LEU A 379 -1.27 -14.21 23.56
N SER A 380 -1.75 -15.35 23.07
CA SER A 380 -0.93 -16.22 22.27
C SER A 380 -0.58 -15.55 20.94
N VAL A 381 0.41 -16.09 20.26
CA VAL A 381 0.92 -15.46 19.05
C VAL A 381 1.53 -16.52 18.14
N ALA A 382 1.20 -16.42 16.85
CA ALA A 382 1.76 -17.27 15.82
C ALA A 382 2.45 -16.40 14.79
N ILE A 383 3.64 -16.82 14.38
CA ILE A 383 4.45 -16.12 13.39
C ILE A 383 4.53 -17.01 12.16
N LEU A 384 3.95 -16.54 11.05
CA LEU A 384 3.91 -17.35 9.83
C LEU A 384 4.83 -16.79 8.77
N PRO A 385 5.84 -17.54 8.34
CA PRO A 385 6.56 -17.16 7.12
C PRO A 385 5.60 -17.17 5.94
N LEU A 386 5.77 -16.19 5.05
CA LEU A 386 4.91 -16.12 3.87
C LEU A 386 5.49 -17.00 2.77
N PRO A 387 4.80 -18.07 2.37
CA PRO A 387 5.37 -18.99 1.37
C PRO A 387 5.56 -18.28 0.03
N GLY A 388 6.81 -18.29 -0.45
CA GLY A 388 7.14 -17.51 -1.63
C GLY A 388 6.95 -16.02 -1.45
N GLY A 389 7.04 -15.54 -0.22
CA GLY A 389 6.76 -14.13 0.03
C GLY A 389 7.73 -13.21 -0.69
N GLU A 390 7.18 -12.13 -1.24
CA GLU A 390 7.94 -11.03 -1.81
C GLU A 390 7.38 -9.71 -1.27
N PHE A 391 8.23 -8.69 -1.23
CA PHE A 391 7.85 -7.39 -0.72
C PHE A 391 8.50 -6.30 -1.55
N TYR A 392 7.75 -5.23 -1.82
CA TYR A 392 8.25 -4.12 -2.62
C TYR A 392 7.75 -2.82 -2.02
N HIS A 393 8.65 -1.97 -1.56
CA HIS A 393 8.23 -0.75 -0.88
C HIS A 393 7.73 0.28 -1.89
N TYR A 394 6.81 1.13 -1.43
CA TYR A 394 6.30 2.23 -2.26
C TYR A 394 6.09 3.50 -1.45
N GLY A 395 6.91 3.72 -0.42
CA GLY A 395 6.79 4.94 0.37
C GLY A 395 7.42 6.16 -0.25
N THR A 396 8.32 5.98 -1.21
CA THR A 396 9.08 7.08 -1.80
C THR A 396 8.94 7.05 -3.32
N SER A 397 9.31 8.17 -3.96
CA SER A 397 9.17 8.30 -5.40
C SER A 397 10.02 7.29 -6.15
N LYS A 398 11.34 7.28 -5.85
CA LYS A 398 12.23 6.29 -6.43
C LYS A 398 11.66 4.89 -6.27
N GLU A 399 11.03 4.63 -5.11
CA GLU A 399 10.49 3.31 -4.85
C GLU A 399 9.25 3.07 -5.72
N LEU A 400 8.39 4.07 -5.88
CA LEU A 400 7.29 3.91 -6.83
C LEU A 400 7.80 3.39 -8.17
N ILE A 401 8.81 4.05 -8.72
CA ILE A 401 9.30 3.64 -10.05
C ILE A 401 9.91 2.24 -10.00
N SER A 402 10.85 2.02 -9.09
CA SER A 402 11.59 0.75 -9.10
C SER A 402 10.70 -0.43 -8.70
N SER A 403 9.80 -0.22 -7.73
CA SER A 403 8.89 -1.28 -7.32
C SER A 403 7.90 -1.63 -8.41
N THR A 404 7.36 -0.64 -9.14
CA THR A 404 6.47 -1.00 -10.23
C THR A 404 7.23 -1.74 -11.33
N LEU A 405 8.48 -1.34 -11.59
CA LEU A 405 9.29 -2.11 -12.55
C LEU A 405 9.44 -3.55 -12.10
N SER A 406 9.81 -3.75 -10.83
CA SER A 406 10.06 -5.10 -10.34
C SER A 406 8.79 -5.95 -10.33
N VAL A 407 7.66 -5.35 -9.95
CA VAL A 407 6.41 -6.11 -9.93
C VAL A 407 5.97 -6.45 -11.34
N GLN A 408 6.06 -5.48 -12.26
CA GLN A 408 5.70 -5.73 -13.66
C GLN A 408 6.56 -6.84 -14.25
N ASN A 409 7.85 -6.88 -13.89
CA ASN A 409 8.74 -7.89 -14.45
C ASN A 409 8.60 -9.22 -13.72
N LYS A 410 7.39 -9.56 -13.27
CA LYS A 410 7.15 -10.84 -12.62
C LYS A 410 5.92 -11.54 -13.21
N VAL A 411 4.97 -10.77 -13.73
CA VAL A 411 3.80 -11.34 -14.37
C VAL A 411 3.69 -10.82 -15.80
N PRO A 426 13.43 -0.60 -19.48
CA PRO A 426 12.05 -1.03 -19.26
C PRO A 426 11.37 -0.29 -18.12
N ALA A 427 12.07 0.69 -17.54
CA ALA A 427 11.56 1.39 -16.36
C ALA A 427 10.84 2.68 -16.74
N MET A 428 9.88 2.55 -17.65
CA MET A 428 9.15 3.68 -18.20
C MET A 428 7.67 3.33 -18.17
N PHE A 429 6.86 4.25 -17.66
CA PHE A 429 5.47 3.95 -17.35
C PHE A 429 4.62 5.14 -17.73
N VAL A 430 3.66 4.93 -18.64
CA VAL A 430 2.78 6.00 -19.07
C VAL A 430 1.34 5.53 -18.89
N GLN A 431 0.58 6.26 -18.08
CA GLN A 431 -0.80 5.91 -17.79
C GLN A 431 -1.64 7.17 -17.92
N ASN A 432 -2.80 7.03 -18.57
CA ASN A 432 -3.80 8.08 -18.60
C ASN A 432 -3.18 9.40 -19.05
N ALA A 433 -2.43 9.35 -20.15
CA ALA A 433 -1.63 10.50 -20.55
C ALA A 433 -1.61 10.67 -22.06
N VAL A 434 -1.32 11.91 -22.47
CA VAL A 434 -0.98 12.26 -23.83
C VAL A 434 0.46 12.75 -23.83
N VAL A 435 1.34 12.02 -24.52
CA VAL A 435 2.75 12.39 -24.63
C VAL A 435 3.02 12.78 -26.07
N ARG A 436 3.48 14.02 -26.27
CA ARG A 436 3.69 14.55 -27.61
C ARG A 436 5.17 14.71 -27.94
N ILE A 437 6.05 14.10 -27.16
CA ILE A 437 7.47 14.05 -27.47
C ILE A 437 7.84 12.58 -27.66
N PRO A 438 8.85 12.25 -28.43
CA PRO A 438 9.33 10.86 -28.46
C PRO A 438 9.97 10.46 -27.14
N LEU A 439 10.12 9.15 -26.96
CA LEU A 439 10.64 8.57 -25.73
C LEU A 439 11.60 7.45 -26.10
N CYS A 440 12.84 7.54 -25.62
CA CYS A 440 13.85 6.54 -25.85
C CYS A 440 14.37 6.01 -24.51
N ALA A 441 15.35 5.09 -24.59
CA ALA A 441 15.91 4.49 -23.38
C ALA A 441 16.80 5.45 -22.60
N GLU A 442 17.06 6.65 -23.12
CA GLU A 442 17.72 7.68 -22.33
C GLU A 442 16.78 8.26 -21.28
N ASN A 443 15.49 8.33 -21.60
CA ASN A 443 14.47 8.77 -20.65
C ASN A 443 14.05 7.63 -19.73
N ALA A 444 15.02 7.13 -18.97
CA ALA A 444 14.78 6.00 -18.08
C ALA A 444 14.28 6.48 -16.73
N ASP A 445 13.68 5.55 -15.98
CA ASP A 445 13.04 5.85 -14.70
C ASP A 445 12.02 6.98 -14.87
N LEU A 446 10.97 6.66 -15.62
CA LEU A 446 9.95 7.62 -16.00
C LEU A 446 8.59 7.14 -15.48
N TRP A 447 7.82 8.07 -14.92
CA TRP A 447 6.44 7.82 -14.55
C TRP A 447 5.62 9.05 -14.95
N ILE A 448 4.79 8.89 -15.97
CA ILE A 448 3.88 9.92 -16.42
C ILE A 448 2.46 9.40 -16.22
N GLU A 449 1.62 10.19 -15.57
CA GLU A 449 0.28 9.72 -15.25
C GLU A 449 -0.62 10.94 -15.16
N ASN A 450 -1.78 10.87 -15.81
CA ASN A 450 -2.81 11.90 -15.73
C ASN A 450 -2.24 13.25 -16.13
N SER A 451 -1.38 13.23 -17.16
CA SER A 451 -0.64 14.41 -17.57
C SER A 451 -0.66 14.53 -19.09
N HIS A 452 -0.62 15.78 -19.56
CA HIS A 452 -0.41 16.11 -20.97
C HIS A 452 1.00 16.69 -21.13
N ILE A 453 1.84 16.00 -21.90
CA ILE A 453 3.21 16.43 -22.15
C ILE A 453 3.29 17.00 -23.56
N GLY A 454 3.30 18.32 -23.67
CA GLY A 454 3.31 19.01 -24.95
C GLY A 454 4.60 18.87 -25.73
N PRO A 455 4.53 19.06 -27.05
CA PRO A 455 5.69 18.78 -27.90
C PRO A 455 6.92 19.64 -27.65
N LYS A 456 6.79 20.76 -26.95
CA LYS A 456 7.94 21.61 -26.66
C LYS A 456 8.55 21.32 -25.29
N TRP A 457 8.16 20.23 -24.64
CA TRP A 457 8.80 19.86 -23.39
C TRP A 457 10.18 19.28 -23.68
N LYS A 458 11.10 19.51 -22.74
CA LYS A 458 12.41 18.89 -22.73
C LYS A 458 12.54 18.14 -21.42
N ILE A 459 12.75 16.82 -21.49
CA ILE A 459 12.90 16.00 -20.31
C ILE A 459 14.16 15.15 -20.46
N ALA A 460 14.50 14.46 -19.38
CA ALA A 460 15.70 13.66 -19.30
C ALA A 460 15.34 12.30 -18.70
N SER A 461 15.86 11.99 -17.52
CA SER A 461 15.56 10.75 -16.83
C SER A 461 15.19 11.09 -15.38
N ARG A 462 14.62 10.09 -14.70
CA ARG A 462 14.19 10.21 -13.31
C ARG A 462 13.17 11.33 -13.15
N HIS A 463 11.92 11.05 -13.54
CA HIS A 463 10.84 12.02 -13.47
C HIS A 463 9.59 11.34 -12.97
N ILE A 464 8.78 12.08 -12.23
CA ILE A 464 7.40 11.71 -11.96
C ILE A 464 6.55 12.91 -12.33
N ILE A 465 5.74 12.76 -13.37
CA ILE A 465 4.89 13.83 -13.88
C ILE A 465 3.45 13.38 -13.68
N THR A 466 2.71 14.12 -12.87
CA THR A 466 1.36 13.74 -12.49
C THR A 466 0.48 14.97 -12.47
N GLY A 467 -0.75 14.82 -12.96
CA GLY A 467 -1.74 15.86 -12.82
C GLY A 467 -1.71 16.95 -13.88
N VAL A 468 -0.81 16.89 -14.85
CA VAL A 468 -0.54 18.05 -15.70
C VAL A 468 -1.61 18.19 -16.79
N PRO A 469 -2.40 19.25 -16.75
CA PRO A 469 -3.45 19.44 -17.77
C PRO A 469 -2.86 19.77 -19.14
N GLU A 470 -3.76 19.77 -20.13
CA GLU A 470 -3.36 20.01 -21.51
C GLU A 470 -2.69 21.37 -21.65
N ASN A 471 -1.65 21.44 -22.48
CA ASN A 471 -0.78 22.60 -22.54
C ASN A 471 0.13 22.47 -23.75
N ASP A 472 0.62 23.62 -24.22
CA ASP A 472 1.71 23.62 -25.20
C ASP A 472 2.93 24.32 -24.60
N TRP A 473 3.27 24.00 -23.36
CA TRP A 473 4.36 24.69 -22.67
C TRP A 473 5.70 24.35 -23.31
N SER A 474 6.59 25.33 -23.36
CA SER A 474 8.01 25.06 -23.59
C SER A 474 8.67 24.93 -22.22
N LEU A 475 8.44 23.79 -21.58
CA LEU A 475 8.93 23.52 -20.25
C LEU A 475 10.08 22.52 -20.31
N ALA A 476 11.22 22.89 -19.73
CA ALA A 476 12.34 21.99 -19.57
C ALA A 476 12.31 21.42 -18.16
N VAL A 477 12.52 20.11 -18.05
CA VAL A 477 12.46 19.41 -16.78
C VAL A 477 13.81 18.74 -16.53
N PRO A 478 14.64 19.30 -15.65
CA PRO A 478 15.95 18.70 -15.39
C PRO A 478 15.82 17.29 -14.84
N ALA A 479 16.87 16.51 -15.06
CA ALA A 479 16.92 15.16 -14.50
C ALA A 479 16.67 15.19 -12.99
N GLY A 480 15.92 14.21 -12.51
CA GLY A 480 15.61 14.11 -11.09
C GLY A 480 14.52 15.04 -10.61
N VAL A 481 14.08 15.99 -11.42
CA VAL A 481 12.98 16.88 -11.08
C VAL A 481 11.66 16.23 -11.48
N CYS A 482 10.66 16.34 -10.60
CA CYS A 482 9.31 15.89 -10.83
C CYS A 482 8.37 17.08 -10.87
N VAL A 483 7.22 16.89 -11.53
CA VAL A 483 6.23 17.94 -11.73
C VAL A 483 4.87 17.37 -11.36
N ASP A 484 4.25 17.94 -10.33
CA ASP A 484 2.90 17.55 -9.95
C ASP A 484 1.99 18.77 -10.05
N VAL A 485 0.79 18.56 -10.56
CA VAL A 485 -0.25 19.60 -10.58
C VAL A 485 -1.47 19.05 -9.88
N VAL A 486 -2.07 19.86 -9.01
CA VAL A 486 -3.19 19.42 -8.19
C VAL A 486 -4.35 20.39 -8.34
N PRO A 487 -5.48 19.98 -8.90
CA PRO A 487 -6.62 20.89 -9.01
C PRO A 487 -7.09 21.35 -7.63
N MET A 488 -7.54 22.61 -7.56
CA MET A 488 -7.84 23.27 -6.30
C MET A 488 -8.97 24.24 -6.57
N GLY A 489 -9.98 24.22 -5.70
CA GLY A 489 -11.16 25.02 -6.00
C GLY A 489 -11.83 24.55 -7.29
N ASP A 490 -12.74 25.40 -7.79
CA ASP A 490 -13.51 25.04 -8.96
C ASP A 490 -12.71 25.13 -10.25
N LYS A 491 -11.68 26.00 -10.31
CA LYS A 491 -10.93 26.14 -11.55
C LYS A 491 -9.43 26.32 -11.37
N GLY A 492 -8.89 26.21 -10.15
CA GLY A 492 -7.48 26.50 -9.95
C GLY A 492 -6.59 25.27 -10.04
N PHE A 493 -5.29 25.53 -10.15
CA PHE A 493 -4.27 24.50 -10.21
C PHE A 493 -3.14 24.90 -9.27
N VAL A 494 -2.77 24.01 -8.35
CA VAL A 494 -1.59 24.22 -7.53
C VAL A 494 -0.41 23.53 -8.22
N ALA A 495 0.66 24.29 -8.40
CA ALA A 495 1.90 23.81 -9.02
C ALA A 495 2.82 23.28 -7.93
N ARG A 496 3.13 21.99 -7.95
CA ARG A 496 3.99 21.34 -6.97
C ARG A 496 5.14 20.68 -7.71
N PRO A 497 6.13 21.46 -8.15
CA PRO A 497 7.39 20.85 -8.58
C PRO A 497 8.14 20.36 -7.35
N TYR A 498 8.94 19.31 -7.55
CA TYR A 498 9.75 18.81 -6.45
C TYR A 498 10.84 17.93 -7.05
N GLY A 499 11.59 17.25 -6.19
CA GLY A 499 12.65 16.42 -6.71
C GLY A 499 12.48 14.96 -6.32
N LEU A 500 13.14 14.07 -7.05
CA LEU A 500 12.94 12.64 -6.84
C LEU A 500 13.43 12.18 -5.47
N ASP A 501 14.34 12.92 -4.85
CA ASP A 501 14.90 12.53 -3.57
C ASP A 501 14.57 13.50 -2.44
N ASP A 502 13.84 14.59 -2.72
CA ASP A 502 13.27 15.40 -1.66
C ASP A 502 12.53 14.51 -0.67
N VAL A 503 12.81 14.70 0.62
CA VAL A 503 12.10 13.96 1.66
C VAL A 503 11.06 14.83 2.36
N PHE A 504 11.04 16.14 2.10
CA PHE A 504 10.01 17.04 2.57
C PHE A 504 9.89 16.99 4.09
N LYS A 505 10.99 17.36 4.73
CA LYS A 505 11.17 17.44 6.16
C LYS A 505 12.38 18.34 6.38
N GLY A 506 12.37 19.06 7.49
CA GLY A 506 13.50 19.93 7.76
C GLY A 506 13.18 21.40 7.89
N ASP A 507 13.96 22.09 8.70
CA ASP A 507 13.92 23.55 8.74
C ASP A 507 14.47 24.12 7.43
N LEU A 508 13.88 25.23 6.97
CA LEU A 508 14.28 25.81 5.69
C LEU A 508 15.70 26.36 5.71
N ARG A 509 16.23 26.71 6.86
CA ARG A 509 17.56 27.30 6.96
C ARG A 509 18.66 26.25 7.06
N ASP A 510 18.34 24.98 6.80
CA ASP A 510 19.35 23.93 6.75
C ASP A 510 19.64 23.61 5.29
N SER A 511 20.92 23.46 4.96
CA SER A 511 21.31 23.21 3.59
C SER A 511 20.95 21.80 3.11
N LYS A 512 20.60 20.89 4.02
CA LYS A 512 20.17 19.55 3.62
C LYS A 512 18.68 19.49 3.30
N THR A 513 17.90 20.49 3.71
CA THR A 513 16.50 20.61 3.32
C THR A 513 16.43 21.10 1.87
N THR A 514 15.86 20.28 0.98
CA THR A 514 15.91 20.53 -0.45
C THR A 514 14.51 20.67 -1.03
N LEU A 515 14.42 21.48 -2.09
CA LEU A 515 13.27 21.53 -2.97
C LEU A 515 13.77 21.39 -4.40
N THR A 516 13.27 20.38 -5.11
CA THR A 516 13.76 20.01 -6.44
C THR A 516 15.26 19.71 -6.40
N GLY A 517 15.70 19.08 -5.31
CA GLY A 517 17.06 18.58 -5.20
C GLY A 517 18.12 19.61 -4.94
N ILE A 518 17.75 20.87 -4.70
CA ILE A 518 18.71 21.92 -4.36
C ILE A 518 18.32 22.51 -3.01
N PRO A 519 19.26 23.06 -2.24
CA PRO A 519 18.92 23.59 -0.91
C PRO A 519 17.87 24.68 -1.00
N PHE A 520 16.88 24.60 -0.11
CA PHE A 520 15.77 25.55 -0.12
C PHE A 520 16.25 27.00 -0.16
N GLY A 521 17.17 27.36 0.74
CA GLY A 521 17.66 28.73 0.77
C GLY A 521 18.24 29.17 -0.56
N GLU A 522 19.01 28.28 -1.20
CA GLU A 522 19.50 28.54 -2.55
C GLU A 522 18.34 28.71 -3.54
N TRP A 523 17.33 27.84 -3.47
CA TRP A 523 16.17 27.98 -4.34
C TRP A 523 15.50 29.35 -4.17
N MET A 524 15.48 29.84 -2.93
CA MET A 524 14.90 31.15 -2.65
C MET A 524 15.77 32.27 -3.22
N SER A 525 17.09 32.14 -3.10
CA SER A 525 17.94 33.27 -3.45
C SER A 525 18.19 33.34 -4.95
N LYS A 526 18.21 32.21 -5.66
CA LYS A 526 18.23 32.25 -7.12
C LYS A 526 17.08 33.04 -7.72
N ARG A 527 16.00 33.23 -6.96
CA ARG A 527 14.80 33.89 -7.46
C ARG A 527 14.56 35.23 -6.77
N GLY A 528 15.55 35.73 -6.03
CA GLY A 528 15.42 37.03 -5.40
C GLY A 528 14.44 37.06 -4.26
N LEU A 529 14.13 35.90 -3.67
CA LEU A 529 13.14 35.80 -2.63
C LEU A 529 13.83 35.64 -1.29
N SER A 530 13.18 36.14 -0.24
CA SER A 530 13.66 36.00 1.12
C SER A 530 12.59 35.35 1.98
N TYR A 531 12.97 34.95 3.19
CA TYR A 531 12.01 34.39 4.13
C TYR A 531 10.91 35.38 4.51
N THR A 532 11.06 36.67 4.15
CA THR A 532 9.97 37.62 4.33
C THR A 532 8.79 37.34 3.42
N ASP A 533 8.99 36.61 2.34
CA ASP A 533 7.93 36.28 1.40
C ASP A 533 7.16 35.01 1.76
N LEU A 534 7.50 34.36 2.88
CA LEU A 534 6.82 33.14 3.31
C LEU A 534 6.04 33.43 4.59
N LYS A 535 4.73 33.51 4.47
CA LYS A 535 3.84 33.59 5.64
C LYS A 535 3.78 32.24 6.33
N GLY A 536 4.13 32.20 7.61
CA GLY A 536 3.93 31.01 8.41
C GLY A 536 5.22 30.37 8.89
N ARG A 537 5.10 29.11 9.30
CA ARG A 537 6.18 28.37 9.94
C ARG A 537 7.27 28.03 8.93
N THR A 538 8.46 27.73 9.46
CA THR A 538 9.61 27.40 8.62
C THR A 538 10.41 26.23 9.18
N ASP A 539 9.92 25.55 10.22
CA ASP A 539 10.63 24.45 10.84
C ASP A 539 10.51 23.14 10.06
N ASP A 540 9.57 23.02 9.13
CA ASP A 540 9.27 21.75 8.50
C ASP A 540 8.75 21.99 7.09
N LEU A 541 9.58 21.65 6.09
CA LEU A 541 9.26 21.92 4.69
C LEU A 541 7.87 21.39 4.29
N GLN A 542 7.41 20.31 4.91
CA GLN A 542 6.09 19.78 4.59
C GLN A 542 4.97 20.74 4.95
N ALA A 543 5.22 21.70 5.84
CA ALA A 543 4.22 22.68 6.25
C ALA A 543 4.52 24.08 5.71
N VAL A 544 5.53 24.23 4.88
CA VAL A 544 5.92 25.54 4.35
C VAL A 544 5.13 25.81 3.08
N SER A 545 4.31 26.86 3.10
CA SER A 545 3.50 27.23 1.94
C SER A 545 4.34 27.78 0.81
N VAL A 546 4.81 26.93 -0.09
CA VAL A 546 5.62 27.38 -1.22
C VAL A 546 4.90 27.27 -2.55
N PHE A 547 3.87 26.46 -2.64
CA PHE A 547 3.43 26.14 -3.99
C PHE A 547 2.23 26.99 -4.35
N PRO A 548 2.25 27.63 -5.53
CA PRO A 548 1.24 28.63 -5.84
C PRO A 548 0.03 28.03 -6.52
N MET A 549 -1.13 28.61 -6.23
CA MET A 549 -2.36 28.32 -6.93
C MET A 549 -2.60 29.36 -8.01
N VAL A 550 -2.85 28.90 -9.22
CA VAL A 550 -3.05 29.77 -10.38
C VAL A 550 -4.34 29.33 -11.05
N ASN A 551 -4.90 30.23 -11.87
CA ASN A 551 -6.21 30.00 -12.45
C ASN A 551 -6.18 29.78 -13.96
N SER A 552 -5.00 29.71 -14.57
CA SER A 552 -4.92 29.42 -16.00
C SER A 552 -3.75 28.50 -16.28
N VAL A 553 -3.85 27.76 -17.38
CA VAL A 553 -2.76 26.88 -17.80
C VAL A 553 -1.57 27.70 -18.27
N GLU A 554 -1.82 28.90 -18.79
CA GLU A 554 -0.73 29.80 -19.18
C GLU A 554 0.11 30.20 -17.98
N GLU A 555 -0.52 30.83 -16.98
CA GLU A 555 0.16 31.13 -15.73
C GLU A 555 0.76 29.89 -15.09
N LEU A 556 0.07 28.76 -15.18
CA LEU A 556 0.60 27.53 -14.60
C LEU A 556 1.94 27.17 -15.22
N GLY A 557 2.05 27.25 -16.55
CA GLY A 557 3.31 26.94 -17.20
C GLY A 557 4.38 27.99 -16.93
N LEU A 558 3.98 29.26 -16.92
CA LEU A 558 4.93 30.33 -16.62
C LEU A 558 5.54 30.13 -15.24
N VAL A 559 4.70 29.88 -14.24
CA VAL A 559 5.20 29.74 -12.87
C VAL A 559 5.97 28.44 -12.72
N LEU A 560 5.57 27.36 -13.41
CA LEU A 560 6.34 26.13 -13.32
C LEU A 560 7.73 26.32 -13.91
N ARG A 561 7.83 26.96 -15.07
CA ARG A 561 9.12 27.28 -15.65
C ARG A 561 9.96 28.08 -14.66
N TRP A 562 9.35 29.10 -14.06
CA TRP A 562 10.06 29.94 -13.10
C TRP A 562 10.54 29.15 -11.88
N MET A 563 9.78 28.14 -11.45
CA MET A 563 10.19 27.36 -10.29
C MET A 563 11.23 26.28 -10.64
N LEU A 564 11.43 26.00 -11.92
CA LEU A 564 12.48 25.07 -12.34
C LEU A 564 13.67 25.82 -12.95
N SER A 565 13.89 25.65 -14.26
CA SER A 565 15.14 26.07 -14.90
C SER A 565 15.19 27.53 -15.31
N GLU A 566 14.08 28.29 -15.23
CA GLU A 566 14.09 29.70 -15.58
C GLU A 566 13.73 30.58 -14.39
N PRO A 567 14.63 30.71 -13.39
CA PRO A 567 14.38 31.68 -12.31
C PRO A 567 14.41 33.13 -12.77
N GLU A 568 15.00 33.42 -13.93
CA GLU A 568 15.01 34.76 -14.49
C GLU A 568 13.68 35.19 -15.10
N LEU A 569 12.72 34.27 -15.25
CA LEU A 569 11.43 34.59 -15.84
C LEU A 569 10.66 35.52 -14.91
N GLU A 570 10.64 36.81 -15.25
CA GLU A 570 10.04 37.82 -14.37
C GLU A 570 8.56 37.54 -14.13
N GLU A 571 7.80 37.26 -15.19
CA GLU A 571 6.37 37.06 -15.03
C GLU A 571 6.06 35.87 -14.15
N GLY A 572 6.90 34.82 -14.20
CA GLY A 572 6.74 33.71 -13.26
C GLY A 572 6.77 34.16 -11.81
N LYS A 573 7.79 34.96 -11.45
CA LYS A 573 7.89 35.47 -10.09
C LYS A 573 6.70 36.35 -9.75
N ASN A 574 6.30 37.23 -10.67
CA ASN A 574 5.11 38.04 -10.45
C ASN A 574 3.90 37.17 -10.14
N ILE A 575 3.69 36.10 -10.91
CA ILE A 575 2.57 35.19 -10.69
C ILE A 575 2.65 34.59 -9.30
N TRP A 576 3.83 34.07 -8.94
CA TRP A 576 4.01 33.44 -7.63
C TRP A 576 3.72 34.43 -6.50
N LEU A 577 4.11 35.69 -6.68
CA LEU A 577 3.95 36.69 -5.62
C LEU A 577 2.48 37.09 -5.41
N ARG A 578 1.68 37.07 -6.48
CA ARG A 578 0.27 37.41 -6.39
C ARG A 578 -0.63 36.18 -6.27
N SER A 579 -0.08 35.00 -5.98
CA SER A 579 -0.85 33.78 -5.90
C SER A 579 -0.88 33.25 -4.48
N GLU A 580 -2.00 32.64 -4.10
CA GLU A 580 -2.08 31.95 -2.82
C GLU A 580 -1.09 30.80 -2.78
N HIS A 581 -0.47 30.59 -1.62
CA HIS A 581 0.62 29.65 -1.43
C HIS A 581 0.15 28.48 -0.59
N PHE A 582 0.43 27.26 -1.05
CA PHE A 582 0.04 26.04 -0.34
C PHE A 582 1.27 25.24 0.06
N SER A 583 1.24 24.69 1.27
CA SER A 583 2.16 23.64 1.68
C SER A 583 1.66 22.30 1.16
N ALA A 584 2.53 21.28 1.26
CA ALA A 584 2.10 19.93 0.91
C ALA A 584 0.93 19.49 1.78
N ASP A 585 0.96 19.84 3.08
CA ASP A 585 -0.14 19.49 3.96
C ASP A 585 -1.43 20.13 3.50
N GLU A 586 -1.38 21.41 3.13
CA GLU A 586 -2.59 22.11 2.70
C GLU A 586 -3.07 21.61 1.34
N ILE A 587 -2.14 21.20 0.48
CA ILE A 587 -2.53 20.59 -0.80
C ILE A 587 -3.33 19.32 -0.55
N SER A 588 -2.78 18.41 0.26
CA SER A 588 -3.48 17.15 0.44
C SER A 588 -4.69 17.30 1.37
N ALA A 589 -4.79 18.41 2.09
CA ALA A 589 -6.00 18.71 2.85
C ALA A 589 -7.12 19.30 2.00
N GLY A 590 -6.78 20.02 0.92
CA GLY A 590 -7.83 20.69 0.15
C GLY A 590 -8.02 20.28 -1.29
N ALA A 591 -7.21 19.33 -1.77
CA ALA A 591 -7.21 18.95 -3.18
C ALA A 591 -8.63 18.70 -3.70
N ASN A 592 -8.88 19.13 -4.94
CA ASN A 592 -10.14 18.83 -5.62
C ASN A 592 -9.99 17.49 -6.33
N LEU A 593 -10.25 16.41 -5.59
CA LEU A 593 -10.03 15.06 -6.12
C LEU A 593 -10.97 14.74 -7.27
N LYS A 594 -12.17 15.33 -7.29
CA LYS A 594 -13.10 15.06 -8.37
C LYS A 594 -12.57 15.58 -9.71
N ARG A 595 -11.95 16.76 -9.72
CA ARG A 595 -11.40 17.27 -10.96
C ARG A 595 -10.18 16.47 -11.40
N LEU A 596 -9.40 15.97 -10.44
CA LEU A 596 -8.24 15.15 -10.76
C LEU A 596 -8.68 13.84 -11.44
N TYR A 597 -9.66 13.16 -10.83
CA TYR A 597 -10.20 11.95 -11.45
C TYR A 597 -10.85 12.25 -12.79
N ALA A 598 -11.63 13.33 -12.88
CA ALA A 598 -12.26 13.68 -14.15
C ALA A 598 -11.22 13.82 -15.26
N GLN A 599 -10.15 14.58 -14.99
CA GLN A 599 -9.09 14.75 -15.97
C GLN A 599 -8.46 13.40 -16.35
N ARG A 600 -8.13 12.58 -15.35
CA ARG A 600 -7.61 11.23 -15.62
C ARG A 600 -8.53 10.46 -16.57
N GLU A 601 -9.84 10.47 -16.29
CA GLU A 601 -10.78 9.73 -17.12
C GLU A 601 -10.87 10.32 -18.53
N GLU A 602 -10.72 11.63 -18.66
CA GLU A 602 -10.73 12.22 -19.98
C GLU A 602 -9.50 11.77 -20.78
N PHE A 603 -8.37 11.62 -20.10
CA PHE A 603 -7.19 11.09 -20.77
C PHE A 603 -7.38 9.63 -21.16
N ARG A 604 -7.99 8.84 -20.28
CA ARG A 604 -8.31 7.45 -20.62
C ARG A 604 -9.19 7.38 -21.86
N LYS A 605 -10.31 8.11 -21.83
CA LYS A 605 -11.23 8.12 -22.96
C LYS A 605 -10.51 8.51 -24.24
N GLY A 606 -9.63 9.52 -24.17
CA GLY A 606 -8.84 9.86 -25.34
C GLY A 606 -7.92 8.74 -25.77
N ASN A 607 -7.38 7.98 -24.81
CA ASN A 607 -6.48 6.88 -25.14
C ASN A 607 -7.22 5.68 -25.71
N TRP A 608 -8.55 5.62 -25.57
CA TRP A 608 -9.32 4.55 -26.18
C TRP A 608 -9.79 4.87 -27.59
N LYS A 609 -9.42 6.02 -28.13
CA LYS A 609 -9.77 6.38 -29.50
C LYS A 609 -8.76 5.73 -30.43
N ALA A 610 -9.15 4.61 -31.05
CA ALA A 610 -8.20 3.70 -31.66
C ALA A 610 -7.52 4.31 -32.89
N LEU A 611 -8.22 5.17 -33.62
CA LEU A 611 -7.71 5.72 -34.86
C LEU A 611 -6.91 7.02 -34.65
N ALA A 612 -6.88 7.55 -33.43
CA ALA A 612 -6.18 8.80 -33.17
C ALA A 612 -4.69 8.55 -32.94
N VAL A 613 -3.86 9.38 -33.57
CA VAL A 613 -2.40 9.23 -33.48
C VAL A 613 -1.81 10.45 -32.79
N1 EPE B . 4.09 3.09 -23.80
C2 EPE B . 3.97 4.52 -24.10
C3 EPE B . 4.09 4.76 -25.61
N4 EPE B . 3.99 3.53 -26.36
C5 EPE B . 4.94 2.48 -26.01
C6 EPE B . 5.23 2.50 -24.51
C7 EPE B . 2.73 3.15 -26.96
C8 EPE B . 2.86 1.94 -27.87
O8 EPE B . 1.59 1.54 -28.32
C9 EPE B . 4.30 2.92 -22.35
C10 EPE B . 2.99 2.56 -21.64
S EPE B . 3.20 2.48 -19.84
O1S EPE B . 3.52 3.81 -19.28
O2S EPE B . 4.25 1.54 -19.51
O3S EPE B . 1.93 2.01 -19.26
C ACT C . -1.58 20.81 -27.30
O ACT C . -2.32 20.00 -27.92
OXT ACT C . -0.34 20.71 -27.01
CH3 ACT C . -2.26 22.13 -26.79
#